data_9GSQ
#
_entry.id   9GSQ
#
_cell.length_a   112.701
_cell.length_b   40.937
_cell.length_c   100.595
_cell.angle_alpha   90.000
_cell.angle_beta   123.816
_cell.angle_gamma   90.000
#
_symmetry.space_group_name_H-M   'C 1 2 1'
#
loop_
_entity.id
_entity.type
_entity.pdbx_description
1 polymer 'DNA binding domain of J-DNA binding protein 3'
2 non-polymer GLYCEROL
3 non-polymer 'CHLORIDE ION'
4 non-polymer 'SULFATE ION'
5 water water
#
_entity_poly.entity_id   1
_entity_poly.type   'polypeptide(L)'
_entity_poly.pdbx_seq_one_letter_code
;QQQRHVQLNPELRFERPDKEYIPLPPLRDMQDMVKVLFLLSTDKKRYPDGRHRTLDYFRVAVEMFVTEVRQEYKRQYQQA
QRNGRAMQRFTWKNSGELAICFACCCDNVKLLYDSLQPGPLKPLWDAFVGQLPPMLIVQSRVPETMLSSQTYHTKYMDWV
KGGTRYGGEQSTANVRFPSVADRRVKVETYLRSGAGYKIEA
;
_entity_poly.pdbx_strand_id   A,B
#
loop_
_chem_comp.id
_chem_comp.type
_chem_comp.name
_chem_comp.formula
CL non-polymer 'CHLORIDE ION' 'Cl -1'
GOL non-polymer GLYCEROL 'C3 H8 O3'
SO4 non-polymer 'SULFATE ION' 'O4 S -2'
#
# COMPACT_ATOMS: atom_id res chain seq x y z
N GLN A 3 -7.44 23.46 -4.24
CA GLN A 3 -6.61 22.53 -5.03
C GLN A 3 -6.04 21.48 -4.09
N ARG A 4 -4.78 21.07 -4.30
CA ARG A 4 -4.07 20.22 -3.35
C ARG A 4 -3.83 20.92 -2.02
N HIS A 5 -3.42 22.19 -2.09
CA HIS A 5 -3.06 22.97 -0.91
C HIS A 5 -4.28 23.71 -0.37
N VAL A 6 -4.30 23.92 0.96
CA VAL A 6 -5.34 24.71 1.60
C VAL A 6 -5.11 26.17 1.24
N GLN A 7 -6.19 26.87 0.95
CA GLN A 7 -6.14 28.30 0.69
C GLN A 7 -5.71 29.01 1.98
N LEU A 8 -4.67 29.85 1.88
CA LEU A 8 -4.20 30.57 3.05
C LEU A 8 -5.27 31.55 3.52
N ASN A 9 -5.29 31.81 4.83
CA ASN A 9 -6.40 32.51 5.46
C ASN A 9 -5.81 33.39 6.56
N PRO A 10 -5.09 34.47 6.19
CA PRO A 10 -4.33 35.26 7.17
C PRO A 10 -5.19 35.81 8.32
N GLU A 11 -6.46 36.07 8.06
CA GLU A 11 -7.37 36.63 9.06
C GLU A 11 -8.19 35.58 9.81
N LEU A 12 -8.00 34.30 9.46
CA LEU A 12 -8.76 33.21 10.05
C LEU A 12 -10.25 33.53 10.06
N ARG A 13 -10.77 33.84 8.86
CA ARG A 13 -12.18 34.14 8.66
C ARG A 13 -12.87 32.96 7.97
N PHE A 14 -14.01 32.56 8.52
CA PHE A 14 -14.78 31.44 8.03
C PHE A 14 -16.22 31.87 7.77
N GLU A 15 -16.80 31.31 6.71
CA GLU A 15 -18.13 31.72 6.30
C GLU A 15 -19.20 31.29 7.27
N ARG A 16 -19.08 30.08 7.84
CA ARG A 16 -20.04 29.60 8.80
C ARG A 16 -19.46 29.67 10.21
N PRO A 17 -20.32 29.89 11.24
CA PRO A 17 -19.84 29.87 12.62
C PRO A 17 -19.37 28.49 13.03
N ASP A 18 -18.44 28.46 13.98
CA ASP A 18 -17.84 27.23 14.45
C ASP A 18 -18.85 26.27 15.07
N LYS A 19 -19.93 26.81 15.65
CA LYS A 19 -20.96 26.01 16.29
C LYS A 19 -21.85 25.23 15.32
N GLU A 20 -21.82 25.59 14.03
CA GLU A 20 -22.74 25.04 13.07
C GLU A 20 -22.26 23.67 12.61
N TYR A 21 -23.18 22.72 12.47
CA TYR A 21 -22.86 21.39 11.98
C TYR A 21 -22.52 21.41 10.49
N ILE A 22 -21.61 20.51 10.11
CA ILE A 22 -21.22 20.33 8.74
C ILE A 22 -22.14 19.27 8.15
N PRO A 23 -22.84 19.54 7.03
CA PRO A 23 -23.68 18.53 6.40
C PRO A 23 -22.84 17.38 5.85
N LEU A 24 -23.36 16.16 5.93
CA LEU A 24 -22.72 15.00 5.34
C LEU A 24 -22.78 15.03 3.81
N PRO A 25 -21.82 14.40 3.10
CA PRO A 25 -21.93 14.27 1.66
C PRO A 25 -23.08 13.33 1.32
N PRO A 26 -23.64 13.35 0.10
CA PRO A 26 -24.66 12.38 -0.30
C PRO A 26 -24.18 10.94 -0.11
N LEU A 27 -25.00 10.12 0.54
CA LEU A 27 -24.60 8.79 0.98
C LEU A 27 -25.67 7.77 0.61
N ARG A 28 -25.46 7.09 -0.53
CA ARG A 28 -26.37 6.06 -1.02
C ARG A 28 -26.13 4.71 -0.36
N ASP A 29 -24.87 4.40 -0.11
CA ASP A 29 -24.43 3.01 0.04
C ASP A 29 -23.22 2.93 0.96
N MET A 30 -22.76 1.71 1.23
CA MET A 30 -21.57 1.52 2.06
C MET A 30 -20.27 1.87 1.35
N GLN A 31 -20.25 1.88 0.01
CA GLN A 31 -19.09 2.35 -0.71
C GLN A 31 -18.94 3.87 -0.56
N ASP A 32 -20.06 4.59 -0.60
CA ASP A 32 -20.06 6.00 -0.27
C ASP A 32 -19.56 6.23 1.15
N MET A 33 -19.97 5.37 2.08
CA MET A 33 -19.70 5.54 3.50
C MET A 33 -18.20 5.46 3.80
N VAL A 34 -17.49 4.56 3.11
CA VAL A 34 -16.07 4.40 3.35
C VAL A 34 -15.24 5.54 2.75
N LYS A 35 -15.87 6.42 1.94
CA LYS A 35 -15.17 7.56 1.37
C LYS A 35 -15.50 8.90 2.04
N VAL A 36 -16.29 8.89 3.11
CA VAL A 36 -16.82 10.11 3.69
C VAL A 36 -15.70 11.07 4.12
N LEU A 37 -14.67 10.55 4.80
CA LEU A 37 -13.60 11.43 5.24
C LEU A 37 -12.84 12.02 4.06
N PHE A 38 -12.55 11.19 3.05
CA PHE A 38 -11.87 11.61 1.85
C PHE A 38 -12.64 12.70 1.11
N LEU A 39 -13.96 12.55 1.03
CA LEU A 39 -14.82 13.56 0.42
C LEU A 39 -14.85 14.88 1.18
N LEU A 40 -15.04 14.81 2.50
CA LEU A 40 -14.95 16.01 3.33
C LEU A 40 -13.61 16.71 3.13
N SER A 41 -12.53 15.91 3.11
CA SER A 41 -11.19 16.44 3.02
C SER A 41 -10.86 17.08 1.68
N THR A 42 -11.31 16.46 0.59
CA THR A 42 -10.85 16.84 -0.74
C THR A 42 -11.87 17.50 -1.67
N ASP A 43 -13.16 17.37 -1.39
CA ASP A 43 -14.18 17.92 -2.29
C ASP A 43 -14.40 19.40 -1.96
N LYS A 44 -13.64 20.26 -2.62
CA LYS A 44 -13.68 21.68 -2.32
C LYS A 44 -14.77 22.41 -3.10
N LYS A 45 -15.50 21.67 -3.94
CA LYS A 45 -16.70 22.21 -4.55
C LYS A 45 -17.86 22.15 -3.55
N ARG A 46 -18.08 20.98 -2.95
CA ARG A 46 -19.07 20.84 -1.90
C ARG A 46 -18.66 21.53 -0.59
N TYR A 47 -17.36 21.43 -0.25
CA TYR A 47 -16.82 21.96 0.99
C TYR A 47 -15.63 22.86 0.70
N PRO A 48 -15.86 24.11 0.22
CA PRO A 48 -14.76 25.03 -0.06
C PRO A 48 -13.94 25.32 1.18
N ASP A 49 -12.64 25.56 0.97
CA ASP A 49 -11.81 26.14 2.00
C ASP A 49 -12.44 27.44 2.46
N GLY A 50 -12.32 27.71 3.75
CA GLY A 50 -12.80 28.97 4.33
C GLY A 50 -14.26 28.98 4.75
N ARG A 51 -14.93 27.82 4.68
CA ARG A 51 -16.32 27.74 5.11
C ARG A 51 -16.47 27.33 6.57
N HIS A 52 -15.73 26.28 6.98
CA HIS A 52 -15.82 25.72 8.31
C HIS A 52 -14.43 25.64 8.91
N ARG A 53 -14.23 26.35 10.02
CA ARG A 53 -12.95 26.35 10.71
C ARG A 53 -12.51 24.91 11.03
N THR A 54 -13.42 24.09 11.52
CA THR A 54 -13.08 22.73 11.91
CA THR A 54 -13.05 22.73 11.91
C THR A 54 -12.51 21.92 10.74
N LEU A 55 -13.12 22.09 9.57
CA LEU A 55 -12.70 21.35 8.38
C LEU A 55 -11.35 21.88 7.87
N ASP A 56 -11.20 23.20 7.83
CA ASP A 56 -9.96 23.80 7.38
C ASP A 56 -8.80 23.39 8.29
N TYR A 57 -9.03 23.35 9.59
CA TYR A 57 -7.95 22.97 10.50
C TYR A 57 -7.52 21.52 10.24
N PHE A 58 -8.49 20.65 10.00
CA PHE A 58 -8.20 19.26 9.68
C PHE A 58 -7.40 19.18 8.38
N ARG A 59 -7.83 19.94 7.36
CA ARG A 59 -7.11 19.96 6.10
C ARG A 59 -5.67 20.43 6.23
N VAL A 60 -5.45 21.44 7.07
CA VAL A 60 -4.11 21.92 7.31
C VAL A 60 -3.28 20.86 7.99
N ALA A 61 -3.82 20.23 9.03
CA ALA A 61 -3.10 19.14 9.70
C ALA A 61 -2.65 18.08 8.71
N VAL A 62 -3.57 17.68 7.82
CA VAL A 62 -3.27 16.66 6.82
C VAL A 62 -2.18 17.17 5.89
N GLU A 63 -2.32 18.39 5.37
CA GLU A 63 -1.31 18.95 4.49
C GLU A 63 0.07 18.97 5.14
N MET A 64 0.15 19.41 6.40
CA MET A 64 1.42 19.49 7.09
C MET A 64 2.01 18.08 7.26
N PHE A 65 1.18 17.11 7.67
CA PHE A 65 1.64 15.75 7.84
C PHE A 65 2.14 15.16 6.53
N VAL A 66 1.35 15.30 5.47
CA VAL A 66 1.70 14.75 4.18
C VAL A 66 3.01 15.35 3.66
N THR A 67 3.18 16.67 3.83
CA THR A 67 4.42 17.31 3.45
C THR A 67 5.60 16.69 4.20
N GLU A 68 5.46 16.55 5.52
CA GLU A 68 6.54 16.04 6.34
C GLU A 68 6.85 14.56 6.07
N VAL A 69 5.82 13.73 5.92
CA VAL A 69 6.07 12.32 5.72
C VAL A 69 6.78 12.09 4.39
N ARG A 70 6.42 12.89 3.38
CA ARG A 70 7.05 12.76 2.07
C ARG A 70 8.50 13.21 2.12
N GLN A 71 8.77 14.30 2.84
CA GLN A 71 10.11 14.81 2.95
C GLN A 71 10.99 13.85 3.74
N GLU A 72 10.44 13.31 4.82
CA GLU A 72 11.19 12.38 5.67
C GLU A 72 11.45 11.08 4.93
N TYR A 73 10.45 10.60 4.18
CA TYR A 73 10.63 9.41 3.36
C TYR A 73 11.75 9.59 2.34
N LYS A 74 11.71 10.72 1.63
CA LYS A 74 12.74 11.03 0.65
C LYS A 74 14.13 11.08 1.30
N ARG A 75 14.24 11.77 2.45
CA ARG A 75 15.51 11.85 3.14
C ARG A 75 16.05 10.48 3.53
N GLN A 76 15.19 9.64 4.10
CA GLN A 76 15.60 8.31 4.51
C GLN A 76 15.99 7.46 3.30
N TYR A 77 15.24 7.59 2.20
CA TYR A 77 15.49 6.82 1.00
C TYR A 77 16.86 7.19 0.41
N GLN A 78 17.15 8.49 0.37
CA GLN A 78 18.42 8.97 -0.12
C GLN A 78 19.58 8.54 0.78
N GLN A 79 19.36 8.64 2.09
CA GLN A 79 20.36 8.21 3.06
C GLN A 79 20.69 6.74 2.85
N ALA A 80 19.66 5.91 2.64
CA ALA A 80 19.87 4.49 2.38
C ALA A 80 20.71 4.29 1.12
N GLN A 81 20.32 4.98 0.03
CA GLN A 81 21.02 4.89 -1.25
C GLN A 81 22.49 5.25 -1.12
N ARG A 82 22.79 6.35 -0.42
CA ARG A 82 24.17 6.79 -0.27
C ARG A 82 25.03 5.76 0.44
N ASN A 83 24.40 4.98 1.34
CA ASN A 83 25.09 3.97 2.11
C ASN A 83 24.99 2.57 1.50
N GLY A 84 24.53 2.49 0.25
CA GLY A 84 24.52 1.24 -0.50
C GLY A 84 23.57 0.16 0.00
N ARG A 85 22.47 0.59 0.63
CA ARG A 85 21.49 -0.34 1.17
C ARG A 85 20.10 0.01 0.66
N ALA A 86 19.27 -1.03 0.45
CA ALA A 86 17.87 -0.84 0.13
C ALA A 86 17.13 -0.50 1.42
N MET A 87 16.37 0.61 1.39
CA MET A 87 15.62 1.04 2.55
C MET A 87 14.53 0.00 2.82
N GLN A 88 14.55 -0.56 4.02
CA GLN A 88 13.71 -1.68 4.43
C GLN A 88 12.39 -1.26 5.07
N ARG A 89 12.43 -0.19 5.88
CA ARG A 89 11.27 0.28 6.60
C ARG A 89 11.47 1.78 6.79
N PHE A 90 10.36 2.52 6.77
CA PHE A 90 10.36 3.91 7.18
C PHE A 90 10.53 4.00 8.69
N THR A 91 11.40 4.93 9.13
CA THR A 91 11.57 5.21 10.55
C THR A 91 10.71 6.39 10.98
N TRP A 92 9.76 6.11 11.87
CA TRP A 92 8.84 7.11 12.40
C TRP A 92 9.30 7.55 13.78
N LYS A 93 9.87 8.76 13.83
CA LYS A 93 10.37 9.33 15.07
C LYS A 93 9.16 9.85 15.84
N ASN A 94 9.16 9.64 17.15
CA ASN A 94 7.99 9.92 17.95
C ASN A 94 7.96 11.32 18.54
N SER A 95 8.99 12.14 18.29
CA SER A 95 9.10 13.40 18.97
C SER A 95 9.32 14.61 18.07
N GLY A 96 9.35 14.41 16.75
CA GLY A 96 9.68 15.47 15.81
C GLY A 96 8.46 16.00 15.07
N GLU A 97 8.71 16.73 13.98
CA GLU A 97 7.67 17.37 13.20
C GLU A 97 6.62 16.36 12.70
N LEU A 98 7.07 15.18 12.26
CA LEU A 98 6.15 14.16 11.80
C LEU A 98 5.13 13.77 12.86
N ALA A 99 5.63 13.41 14.05
CA ALA A 99 4.78 13.04 15.16
C ALA A 99 3.83 14.16 15.57
N ILE A 100 4.36 15.39 15.55
CA ILE A 100 3.55 16.53 15.93
C ILE A 100 2.42 16.71 14.92
N CYS A 101 2.75 16.63 13.63
CA CYS A 101 1.74 16.75 12.59
C CYS A 101 0.70 15.64 12.64
N PHE A 102 1.15 14.43 12.93
CA PHE A 102 0.20 13.33 13.09
C PHE A 102 -0.76 13.57 14.24
N ALA A 103 -0.23 14.07 15.37
CA ALA A 103 -1.07 14.40 16.51
C ALA A 103 -2.09 15.48 16.13
N CYS A 104 -1.65 16.47 15.33
CA CYS A 104 -2.58 17.47 14.78
C CYS A 104 -3.70 16.80 13.98
N CYS A 105 -3.37 15.79 13.17
CA CYS A 105 -4.38 15.11 12.38
C CYS A 105 -5.41 14.45 13.27
N CYS A 106 -4.93 13.80 14.33
CA CYS A 106 -5.79 13.11 15.26
C CYS A 106 -6.67 14.07 16.05
N ASP A 107 -6.07 15.17 16.54
CA ASP A 107 -6.81 16.20 17.24
C ASP A 107 -7.97 16.68 16.38
N ASN A 108 -7.65 16.97 15.12
CA ASN A 108 -8.62 17.64 14.25
C ASN A 108 -9.60 16.68 13.59
N VAL A 109 -9.24 15.41 13.40
CA VAL A 109 -10.19 14.45 12.88
C VAL A 109 -11.31 14.21 13.89
N LYS A 110 -10.94 14.26 15.19
CA LYS A 110 -11.91 14.15 16.27
C LYS A 110 -12.86 15.35 16.26
N LEU A 111 -12.29 16.56 16.18
CA LEU A 111 -13.10 17.77 16.12
C LEU A 111 -14.01 17.77 14.89
N LEU A 112 -13.48 17.32 13.75
CA LEU A 112 -14.26 17.25 12.53
C LEU A 112 -15.44 16.30 12.70
N TYR A 113 -15.18 15.12 13.26
CA TYR A 113 -16.24 14.15 13.48
C TYR A 113 -17.36 14.74 14.32
N ASP A 114 -16.99 15.43 15.40
CA ASP A 114 -17.97 15.99 16.32
C ASP A 114 -18.80 17.09 15.65
N SER A 115 -18.25 17.74 14.62
CA SER A 115 -18.93 18.77 13.85
C SER A 115 -19.84 18.27 12.74
N LEU A 116 -19.84 16.97 12.46
CA LEU A 116 -20.70 16.43 11.41
C LEU A 116 -22.14 16.32 11.89
N GLN A 117 -23.06 16.78 11.04
CA GLN A 117 -24.49 16.72 11.30
C GLN A 117 -24.89 15.35 11.84
N PRO A 118 -25.39 15.25 13.09
CA PRO A 118 -25.87 13.97 13.64
C PRO A 118 -27.03 13.36 12.86
N GLY A 119 -27.06 12.02 12.82
CA GLY A 119 -28.15 11.30 12.19
C GLY A 119 -27.75 9.87 11.81
N PRO A 120 -28.72 9.06 11.34
CA PRO A 120 -28.47 7.66 10.99
C PRO A 120 -27.42 7.45 9.91
N LEU A 121 -27.17 8.47 9.08
CA LEU A 121 -26.17 8.35 8.02
C LEU A 121 -24.75 8.70 8.46
N LYS A 122 -24.63 9.45 9.56
CA LYS A 122 -23.32 9.81 10.06
C LYS A 122 -22.55 8.53 10.36
N PRO A 123 -21.33 8.34 9.83
CA PRO A 123 -20.54 7.15 10.16
C PRO A 123 -20.30 7.04 11.66
N LEU A 124 -20.16 5.80 12.14
CA LEU A 124 -19.71 5.57 13.49
C LEU A 124 -18.24 5.99 13.60
N TRP A 125 -17.83 6.38 14.81
CA TRP A 125 -16.49 6.88 15.04
C TRP A 125 -15.40 5.91 14.60
N ASP A 126 -15.52 4.64 14.99
CA ASP A 126 -14.54 3.63 14.60
C ASP A 126 -14.37 3.55 13.08
N ALA A 127 -15.48 3.62 12.35
CA ALA A 127 -15.42 3.61 10.89
C ALA A 127 -14.77 4.88 10.35
N PHE A 128 -15.14 6.01 10.94
CA PHE A 128 -14.63 7.30 10.48
C PHE A 128 -13.12 7.43 10.68
N VAL A 129 -12.65 7.16 11.90
CA VAL A 129 -11.24 7.30 12.20
C VAL A 129 -10.45 6.24 11.43
N GLY A 130 -11.08 5.10 11.14
CA GLY A 130 -10.49 4.08 10.29
C GLY A 130 -10.14 4.54 8.87
N GLN A 131 -10.79 5.63 8.42
CA GLN A 131 -10.53 6.18 7.11
C GLN A 131 -9.32 7.09 7.09
N LEU A 132 -8.78 7.42 8.28
CA LEU A 132 -7.72 8.41 8.33
C LEU A 132 -6.42 7.82 7.78
N PRO A 133 -5.93 6.67 8.26
CA PRO A 133 -4.65 6.16 7.71
C PRO A 133 -4.67 5.97 6.20
N PRO A 134 -5.73 5.36 5.60
CA PRO A 134 -5.73 5.19 4.15
C PRO A 134 -5.68 6.53 3.41
N MET A 135 -6.36 7.55 3.95
CA MET A 135 -6.29 8.85 3.30
C MET A 135 -4.88 9.42 3.37
N LEU A 136 -4.19 9.29 4.53
CA LEU A 136 -2.83 9.79 4.64
C LEU A 136 -1.89 9.00 3.73
N ILE A 137 -2.10 7.68 3.65
CA ILE A 137 -1.28 6.88 2.74
C ILE A 137 -1.46 7.34 1.30
N VAL A 138 -2.70 7.47 0.83
CA VAL A 138 -2.97 7.83 -0.56
C VAL A 138 -2.41 9.21 -0.88
N GLN A 139 -2.57 10.16 0.04
CA GLN A 139 -2.11 11.52 -0.22
C GLN A 139 -0.59 11.58 -0.19
N SER A 140 0.03 10.82 0.71
CA SER A 140 1.48 10.81 0.77
C SER A 140 2.16 10.05 -0.36
N ARG A 141 1.51 8.99 -0.85
CA ARG A 141 2.07 8.03 -1.78
C ARG A 141 3.32 7.32 -1.26
N VAL A 142 3.48 7.27 0.07
CA VAL A 142 4.56 6.51 0.67
C VAL A 142 4.14 5.04 0.63
N PRO A 143 4.98 4.12 0.09
CA PRO A 143 4.59 2.72 -0.01
C PRO A 143 4.30 2.11 1.35
N GLU A 144 3.21 1.32 1.42
CA GLU A 144 2.85 0.66 2.66
C GLU A 144 3.82 -0.41 3.10
N THR A 145 4.62 -0.97 2.19
CA THR A 145 5.70 -1.85 2.61
C THR A 145 6.76 -1.11 3.43
N MET A 146 6.82 0.21 3.26
CA MET A 146 7.77 1.04 4.01
C MET A 146 7.12 1.61 5.26
N LEU A 147 5.88 2.09 5.11
CA LEU A 147 5.13 2.65 6.22
C LEU A 147 3.73 2.08 6.17
N SER A 148 3.48 1.11 7.07
CA SER A 148 2.28 0.32 7.02
C SER A 148 1.11 0.96 7.74
N SER A 149 -0.08 0.48 7.41
CA SER A 149 -1.29 0.84 8.14
C SER A 149 -1.16 0.47 9.60
N GLN A 150 -0.40 -0.59 9.87
CA GLN A 150 -0.26 -1.07 11.23
C GLN A 150 0.54 -0.06 12.05
N THR A 151 1.56 0.54 11.45
CA THR A 151 2.30 1.59 12.11
C THR A 151 1.38 2.77 12.45
N TYR A 152 0.56 3.17 11.49
CA TYR A 152 -0.40 4.24 11.74
C TYR A 152 -1.29 3.91 12.93
N HIS A 153 -1.75 2.65 12.99
N HIS A 153 -1.74 2.65 13.00
CA HIS A 153 -2.59 2.18 14.07
CA HIS A 153 -2.60 2.20 14.08
C HIS A 153 -1.88 2.36 15.42
C HIS A 153 -1.88 2.36 15.42
N THR A 154 -0.61 1.95 15.47
CA THR A 154 0.21 2.07 16.67
C THR A 154 0.38 3.53 17.10
N LYS A 155 0.60 4.42 16.12
CA LYS A 155 0.81 5.83 16.44
C LYS A 155 -0.49 6.49 16.90
N TYR A 156 -1.60 6.03 16.33
CA TYR A 156 -2.89 6.50 16.75
C TYR A 156 -3.12 6.12 18.22
N MET A 157 -2.77 4.88 18.56
CA MET A 157 -2.89 4.42 19.93
CA MET A 157 -2.89 4.42 19.93
C MET A 157 -2.00 5.21 20.87
N ASP A 158 -0.79 5.56 20.43
CA ASP A 158 0.07 6.44 21.20
C ASP A 158 -0.59 7.78 21.51
N TRP A 159 -1.30 8.33 20.50
CA TRP A 159 -2.02 9.57 20.69
C TRP A 159 -3.20 9.43 21.65
N VAL A 160 -3.97 8.34 21.50
CA VAL A 160 -5.04 8.04 22.44
C VAL A 160 -4.50 7.97 23.87
N LYS A 161 -3.37 7.29 24.06
CA LYS A 161 -2.77 7.11 25.38
C LYS A 161 -2.28 8.42 26.01
N GLY A 162 -1.68 9.27 25.18
CA GLY A 162 -1.16 10.55 25.63
C GLY A 162 -2.21 11.52 26.16
N GLY A 163 -3.47 11.34 25.75
CA GLY A 163 -4.54 12.24 26.14
C GLY A 163 -5.73 11.64 26.88
N THR A 164 -5.49 10.54 27.63
CA THR A 164 -6.53 9.94 28.46
C THR A 164 -6.75 10.77 29.73
N VAL A 175 4.54 14.82 27.58
CA VAL A 175 5.80 15.35 28.11
C VAL A 175 6.73 15.68 26.94
N ARG A 176 7.45 16.81 27.06
CA ARG A 176 8.46 17.23 26.09
C ARG A 176 7.90 17.54 24.70
N PHE A 177 6.58 17.36 24.53
CA PHE A 177 5.90 17.32 23.25
C PHE A 177 4.89 18.47 23.27
N PRO A 178 4.61 19.19 22.16
CA PRO A 178 3.59 20.26 22.18
C PRO A 178 2.24 19.74 22.66
N SER A 179 1.61 20.58 23.47
CA SER A 179 0.27 20.32 23.97
C SER A 179 -0.78 20.44 22.88
N VAL A 180 -2.03 20.09 23.21
CA VAL A 180 -3.13 20.27 22.27
C VAL A 180 -3.21 21.74 21.85
N ALA A 181 -3.06 22.65 22.83
CA ALA A 181 -3.16 24.07 22.53
C ALA A 181 -2.03 24.51 21.58
N ASP A 182 -0.82 24.01 21.85
CA ASP A 182 0.33 24.33 21.00
C ASP A 182 0.11 23.84 19.57
N ARG A 183 -0.51 22.66 19.45
CA ARG A 183 -0.72 22.05 18.16
C ARG A 183 -1.79 22.80 17.39
N ARG A 184 -2.79 23.33 18.09
CA ARG A 184 -3.77 24.18 17.46
C ARG A 184 -3.15 25.47 16.93
N VAL A 185 -2.25 26.08 17.71
CA VAL A 185 -1.56 27.29 17.27
C VAL A 185 -0.69 26.97 16.07
N LYS A 186 -0.05 25.78 16.07
CA LYS A 186 0.73 25.35 14.93
C LYS A 186 -0.10 25.34 13.65
N VAL A 187 -1.30 24.74 13.73
CA VAL A 187 -2.21 24.70 12.61
C VAL A 187 -2.64 26.10 12.18
N GLU A 188 -3.04 26.91 13.16
CA GLU A 188 -3.47 28.28 12.88
C GLU A 188 -2.36 29.08 12.20
N THR A 189 -1.12 28.94 12.71
CA THR A 189 0.00 29.68 12.16
C THR A 189 0.26 29.31 10.70
N TYR A 190 0.19 28.02 10.39
CA TYR A 190 0.32 27.55 9.02
C TYR A 190 -0.79 28.11 8.14
N LEU A 191 -2.03 28.09 8.62
CA LEU A 191 -3.15 28.55 7.82
C LEU A 191 -3.06 30.05 7.51
N ARG A 192 -2.51 30.81 8.46
CA ARG A 192 -2.36 32.24 8.32
C ARG A 192 -1.16 32.70 7.50
N SER A 193 -0.12 31.87 7.45
CA SER A 193 1.20 32.24 6.99
C SER A 193 1.39 31.92 5.51
N GLY A 194 1.95 32.88 4.76
CA GLY A 194 2.28 32.70 3.36
C GLY A 194 1.43 33.53 2.41
N ALA A 195 0.65 34.45 2.97
CA ALA A 195 -0.20 35.33 2.19
C ALA A 195 0.47 36.66 1.85
N GLY A 196 1.69 36.87 2.38
CA GLY A 196 2.49 38.03 1.99
C GLY A 196 2.62 39.11 3.07
N TYR A 197 1.97 38.87 4.21
CA TYR A 197 2.09 39.75 5.36
C TYR A 197 1.93 38.87 6.58
N LYS A 198 2.53 39.30 7.70
CA LYS A 198 2.47 38.52 8.94
C LYS A 198 1.43 39.13 9.88
N ILE A 199 0.47 38.31 10.29
CA ILE A 199 -0.69 38.79 11.04
C ILE A 199 -0.84 37.99 12.33
N GLN B 3 -6.70 -15.71 -19.93
CA GLN B 3 -6.60 -17.15 -19.73
C GLN B 3 -5.49 -17.43 -18.72
N ARG B 4 -4.79 -18.57 -18.88
CA ARG B 4 -3.65 -18.88 -18.04
C ARG B 4 -2.48 -17.95 -18.33
N HIS B 5 -2.26 -17.67 -19.62
CA HIS B 5 -1.14 -16.88 -20.09
C HIS B 5 -1.48 -15.39 -20.11
N VAL B 6 -0.47 -14.55 -19.87
CA VAL B 6 -0.65 -13.11 -19.92
C VAL B 6 -0.67 -12.71 -21.40
N GLN B 7 -1.58 -11.80 -21.74
CA GLN B 7 -1.59 -11.18 -23.06
C GLN B 7 -0.30 -10.40 -23.28
N LEU B 8 0.37 -10.67 -24.40
CA LEU B 8 1.60 -9.97 -24.71
C LEU B 8 1.36 -8.48 -24.92
N ASN B 9 2.40 -7.69 -24.63
CA ASN B 9 2.26 -6.24 -24.59
C ASN B 9 3.55 -5.63 -25.11
N PRO B 10 3.82 -5.74 -26.45
CA PRO B 10 5.12 -5.35 -26.99
C PRO B 10 5.56 -3.92 -26.70
N GLU B 11 4.59 -3.01 -26.58
CA GLU B 11 4.90 -1.61 -26.33
C GLU B 11 4.79 -1.21 -24.86
N LEU B 12 4.48 -2.18 -23.99
CA LEU B 12 4.33 -1.92 -22.56
C LEU B 12 3.41 -0.72 -22.34
N ARG B 13 2.20 -0.81 -22.92
CA ARG B 13 1.16 0.19 -22.76
C ARG B 13 0.06 -0.33 -21.83
N PHE B 14 -0.37 0.51 -20.87
CA PHE B 14 -1.36 0.12 -19.87
C PHE B 14 -2.52 1.11 -19.89
N GLU B 15 -3.73 0.61 -19.62
CA GLU B 15 -4.94 1.43 -19.65
C GLU B 15 -4.91 2.50 -18.56
N ARG B 16 -4.46 2.13 -17.35
CA ARG B 16 -4.39 3.08 -16.26
C ARG B 16 -2.96 3.52 -16.00
N PRO B 17 -2.75 4.78 -15.54
CA PRO B 17 -1.41 5.28 -15.25
C PRO B 17 -0.74 4.52 -14.10
N ASP B 18 0.59 4.47 -14.13
CA ASP B 18 1.35 3.81 -13.08
C ASP B 18 1.16 4.40 -11.69
N LYS B 19 0.86 5.71 -11.62
CA LYS B 19 0.67 6.38 -10.34
C LYS B 19 -0.66 6.06 -9.67
N GLU B 20 -1.60 5.49 -10.43
CA GLU B 20 -2.93 5.26 -9.91
C GLU B 20 -2.93 3.98 -9.08
N TYR B 21 -3.61 4.02 -7.92
CA TYR B 21 -3.83 2.83 -7.12
C TYR B 21 -4.81 1.87 -7.80
N ILE B 22 -4.59 0.57 -7.58
CA ILE B 22 -5.46 -0.47 -8.09
C ILE B 22 -6.57 -0.69 -7.09
N PRO B 23 -7.86 -0.59 -7.46
CA PRO B 23 -8.95 -0.80 -6.52
C PRO B 23 -8.96 -2.25 -6.01
N LEU B 24 -9.32 -2.42 -4.75
CA LEU B 24 -9.35 -3.74 -4.14
C LEU B 24 -10.56 -4.52 -4.61
N PRO B 25 -10.52 -5.88 -4.58
CA PRO B 25 -11.72 -6.67 -4.78
C PRO B 25 -12.66 -6.47 -3.59
N PRO B 26 -13.87 -7.08 -3.57
CA PRO B 26 -14.76 -6.99 -2.41
C PRO B 26 -14.04 -7.39 -1.12
N LEU B 27 -14.16 -6.53 -0.10
CA LEU B 27 -13.55 -6.76 1.20
C LEU B 27 -14.56 -6.44 2.29
N ARG B 28 -15.29 -7.49 2.70
CA ARG B 28 -16.31 -7.37 3.73
C ARG B 28 -15.91 -8.20 4.93
N ASP B 29 -15.25 -9.34 4.68
CA ASP B 29 -15.07 -10.37 5.68
C ASP B 29 -13.72 -11.06 5.52
N MET B 30 -13.48 -12.04 6.38
CA MET B 30 -12.20 -12.75 6.43
C MET B 30 -11.94 -13.63 5.20
N GLN B 31 -13.00 -14.17 4.61
CA GLN B 31 -12.85 -14.99 3.42
C GLN B 31 -12.47 -14.12 2.22
N ASP B 32 -13.09 -12.94 2.12
CA ASP B 32 -12.68 -11.97 1.12
C ASP B 32 -11.20 -11.62 1.28
N MET B 33 -10.75 -11.46 2.54
CA MET B 33 -9.42 -10.94 2.80
CA MET B 33 -9.42 -10.92 2.79
C MET B 33 -8.36 -11.91 2.32
N VAL B 34 -8.58 -13.21 2.53
CA VAL B 34 -7.60 -14.22 2.17
C VAL B 34 -7.53 -14.45 0.65
N LYS B 35 -8.51 -13.92 -0.10
CA LYS B 35 -8.58 -14.18 -1.53
C LYS B 35 -8.12 -13.03 -2.42
N VAL B 36 -7.63 -11.96 -1.79
CA VAL B 36 -7.33 -10.74 -2.52
C VAL B 36 -6.28 -10.99 -3.58
N LEU B 37 -5.17 -11.67 -3.22
CA LEU B 37 -4.12 -11.89 -4.20
C LEU B 37 -4.60 -12.79 -5.35
N PHE B 38 -5.31 -13.86 -4.98
CA PHE B 38 -5.85 -14.78 -5.97
C PHE B 38 -6.78 -14.09 -6.97
N LEU B 39 -7.63 -13.19 -6.46
CA LEU B 39 -8.54 -12.45 -7.32
C LEU B 39 -7.82 -11.44 -8.22
N LEU B 40 -6.90 -10.68 -7.64
CA LEU B 40 -6.05 -9.81 -8.44
C LEU B 40 -5.38 -10.58 -9.56
N SER B 41 -4.82 -11.74 -9.23
CA SER B 41 -4.06 -12.53 -10.17
C SER B 41 -4.90 -13.14 -11.29
N THR B 42 -6.10 -13.62 -10.95
CA THR B 42 -6.85 -14.48 -11.86
C THR B 42 -8.13 -13.90 -12.43
N ASP B 43 -8.70 -12.86 -11.81
CA ASP B 43 -9.97 -12.31 -12.26
C ASP B 43 -9.71 -11.26 -13.33
N LYS B 44 -9.69 -11.72 -14.59
CA LYS B 44 -9.39 -10.85 -15.71
C LYS B 44 -10.62 -10.12 -16.22
N LYS B 45 -11.78 -10.37 -15.61
CA LYS B 45 -12.96 -9.55 -15.84
C LYS B 45 -12.85 -8.23 -15.06
N ARG B 46 -12.57 -8.33 -13.77
CA ARG B 46 -12.35 -7.16 -12.93
C ARG B 46 -11.00 -6.49 -13.23
N TYR B 47 -9.97 -7.31 -13.49
CA TYR B 47 -8.61 -6.84 -13.69
C TYR B 47 -8.03 -7.40 -15.01
N PRO B 48 -8.46 -6.88 -16.18
CA PRO B 48 -7.92 -7.38 -17.45
C PRO B 48 -6.41 -7.18 -17.56
N ASP B 49 -5.76 -8.07 -18.31
CA ASP B 49 -4.39 -7.84 -18.73
C ASP B 49 -4.32 -6.51 -19.46
N GLY B 50 -3.21 -5.79 -19.26
CA GLY B 50 -3.00 -4.50 -19.92
C GLY B 50 -3.62 -3.30 -19.22
N ARG B 51 -4.22 -3.50 -18.03
CA ARG B 51 -4.82 -2.39 -17.31
C ARG B 51 -3.86 -1.70 -16.36
N HIS B 52 -3.12 -2.50 -15.58
CA HIS B 52 -2.19 -1.99 -14.58
C HIS B 52 -0.82 -2.65 -14.76
N ARG B 53 0.20 -1.81 -14.95
CA ARG B 53 1.56 -2.29 -15.13
C ARG B 53 1.97 -3.20 -13.97
N THR B 54 1.69 -2.80 -12.72
CA THR B 54 2.18 -3.59 -11.59
CA THR B 54 2.18 -3.58 -11.60
C THR B 54 1.57 -4.99 -11.60
N LEU B 55 0.30 -5.08 -11.97
CA LEU B 55 -0.37 -6.36 -11.99
C LEU B 55 0.09 -7.24 -13.14
N ASP B 56 0.28 -6.66 -14.32
CA ASP B 56 0.79 -7.43 -15.45
C ASP B 56 2.19 -7.95 -15.18
N TYR B 57 3.03 -7.15 -14.52
CA TYR B 57 4.38 -7.62 -14.23
C TYR B 57 4.33 -8.80 -13.26
N PHE B 58 3.44 -8.71 -12.27
CA PHE B 58 3.29 -9.77 -11.29
C PHE B 58 2.79 -11.03 -11.99
N ARG B 59 1.78 -10.87 -12.85
CA ARG B 59 1.27 -12.02 -13.59
C ARG B 59 2.33 -12.71 -14.45
N VAL B 60 3.17 -11.92 -15.09
CA VAL B 60 4.27 -12.48 -15.85
C VAL B 60 5.26 -13.25 -14.98
N ALA B 61 5.62 -12.67 -13.84
CA ALA B 61 6.53 -13.35 -12.93
C ALA B 61 5.95 -14.71 -12.52
N VAL B 62 4.66 -14.72 -12.20
CA VAL B 62 3.98 -15.95 -11.83
C VAL B 62 4.03 -16.96 -12.98
N GLU B 63 3.69 -16.50 -14.19
CA GLU B 63 3.72 -17.38 -15.34
C GLU B 63 5.10 -18.01 -15.55
N MET B 64 6.15 -17.19 -15.46
CA MET B 64 7.50 -17.69 -15.67
C MET B 64 7.88 -18.70 -14.59
N PHE B 65 7.54 -18.39 -13.33
CA PHE B 65 7.81 -19.32 -12.24
C PHE B 65 7.10 -20.65 -12.43
N VAL B 66 5.80 -20.58 -12.74
CA VAL B 66 5.00 -21.78 -12.95
C VAL B 66 5.58 -22.63 -14.07
N THR B 67 5.99 -22.00 -15.18
CA THR B 67 6.63 -22.71 -16.26
C THR B 67 7.88 -23.44 -15.78
N GLU B 68 8.74 -22.72 -15.03
CA GLU B 68 10.00 -23.30 -14.58
C GLU B 68 9.81 -24.40 -13.54
N VAL B 69 8.90 -24.20 -12.59
CA VAL B 69 8.73 -25.18 -11.53
C VAL B 69 8.17 -26.48 -12.13
N ARG B 70 7.27 -26.35 -13.10
CA ARG B 70 6.70 -27.52 -13.75
C ARG B 70 7.76 -28.28 -14.54
N GLN B 71 8.62 -27.54 -15.26
CA GLN B 71 9.67 -28.19 -16.03
C GLN B 71 10.67 -28.86 -15.11
N GLU B 72 11.03 -28.19 -14.01
CA GLU B 72 12.02 -28.73 -13.09
C GLU B 72 11.45 -29.94 -12.35
N TYR B 73 10.16 -29.88 -11.99
CA TYR B 73 9.51 -30.99 -11.33
C TYR B 73 9.53 -32.22 -12.24
N LYS B 74 9.13 -32.00 -13.49
CA LYS B 74 9.10 -33.09 -14.47
C LYS B 74 10.49 -33.69 -14.64
N ARG B 75 11.52 -32.85 -14.80
CA ARG B 75 12.89 -33.32 -14.93
C ARG B 75 13.33 -34.18 -13.75
N GLN B 76 13.09 -33.69 -12.53
CA GLN B 76 13.47 -34.43 -11.33
C GLN B 76 12.71 -35.75 -11.22
N TYR B 77 11.43 -35.72 -11.61
CA TYR B 77 10.59 -36.91 -11.52
C TYR B 77 11.08 -37.98 -12.49
N GLN B 78 11.40 -37.55 -13.71
CA GLN B 78 11.94 -38.45 -14.72
C GLN B 78 13.30 -39.00 -14.33
N GLN B 79 14.15 -38.13 -13.76
CA GLN B 79 15.47 -38.54 -13.31
C GLN B 79 15.34 -39.64 -12.26
N ALA B 80 14.41 -39.44 -11.32
CA ALA B 80 14.20 -40.43 -10.27
C ALA B 80 13.75 -41.76 -10.90
N GLN B 81 12.75 -41.68 -11.80
CA GLN B 81 12.19 -42.84 -12.45
C GLN B 81 13.23 -43.64 -13.22
N ARG B 82 14.09 -42.96 -13.97
CA ARG B 82 15.12 -43.64 -14.76
C ARG B 82 16.05 -44.44 -13.87
N ASN B 83 16.26 -43.95 -12.65
CA ASN B 83 17.16 -44.57 -11.70
C ASN B 83 16.45 -45.51 -10.71
N GLY B 84 15.19 -45.86 -11.01
CA GLY B 84 14.46 -46.85 -10.25
C GLY B 84 14.07 -46.45 -8.83
N ARG B 85 13.93 -45.14 -8.56
CA ARG B 85 13.66 -44.65 -7.22
C ARG B 85 12.48 -43.69 -7.22
N ALA B 86 11.74 -43.68 -6.12
CA ALA B 86 10.63 -42.76 -5.94
C ALA B 86 11.19 -41.40 -5.57
N MET B 87 10.77 -40.37 -6.31
CA MET B 87 11.12 -39.00 -5.96
C MET B 87 10.42 -38.67 -4.64
N GLN B 88 11.21 -38.30 -3.63
CA GLN B 88 10.71 -38.07 -2.29
C GLN B 88 10.33 -36.62 -2.00
N ARG B 89 11.12 -35.69 -2.56
CA ARG B 89 10.89 -34.27 -2.38
C ARG B 89 11.37 -33.56 -3.64
N PHE B 90 10.76 -32.41 -3.93
CA PHE B 90 11.28 -31.50 -4.93
C PHE B 90 12.54 -30.82 -4.39
N THR B 91 13.59 -30.77 -5.22
CA THR B 91 14.81 -30.06 -4.87
C THR B 91 14.82 -28.65 -5.46
N TRP B 92 14.83 -27.66 -4.58
CA TRP B 92 14.83 -26.25 -5.00
C TRP B 92 16.23 -25.67 -4.82
N LYS B 93 16.93 -25.49 -5.93
CA LYS B 93 18.26 -24.91 -5.92
C LYS B 93 18.13 -23.40 -5.76
N ASN B 94 19.04 -22.82 -4.98
CA ASN B 94 18.92 -21.42 -4.61
C ASN B 94 19.54 -20.43 -5.59
N SER B 95 20.19 -20.91 -6.65
CA SER B 95 20.93 -20.02 -7.53
C SER B 95 20.55 -20.08 -9.01
N GLY B 96 19.54 -20.88 -9.35
CA GLY B 96 19.17 -21.10 -10.74
C GLY B 96 17.93 -20.36 -11.20
N GLU B 97 17.38 -20.82 -12.32
CA GLU B 97 16.26 -20.16 -12.96
C GLU B 97 15.01 -20.13 -12.07
N LEU B 98 14.75 -21.23 -11.36
CA LEU B 98 13.63 -21.26 -10.44
C LEU B 98 13.74 -20.18 -9.37
N ALA B 99 14.90 -20.09 -8.71
CA ALA B 99 15.14 -19.08 -7.70
C ALA B 99 14.98 -17.66 -8.27
N ILE B 100 15.48 -17.46 -9.48
CA ILE B 100 15.37 -16.17 -10.14
C ILE B 100 13.90 -15.84 -10.38
N CYS B 101 13.14 -16.80 -10.92
CA CYS B 101 11.72 -16.57 -11.16
C CYS B 101 10.96 -16.30 -9.86
N PHE B 102 11.32 -17.03 -8.79
CA PHE B 102 10.65 -16.80 -7.52
C PHE B 102 10.95 -15.39 -6.98
N ALA B 103 12.20 -14.95 -7.11
CA ALA B 103 12.56 -13.58 -6.76
C ALA B 103 11.76 -12.56 -7.56
N CYS B 104 11.52 -12.84 -8.85
CA CYS B 104 10.65 -11.98 -9.65
C CYS B 104 9.25 -11.92 -9.05
N CYS B 105 8.73 -13.07 -8.59
CA CYS B 105 7.40 -13.10 -8.01
C CYS B 105 7.35 -12.21 -6.78
N CYS B 106 8.38 -12.33 -5.95
CA CYS B 106 8.45 -11.59 -4.71
C CYS B 106 8.61 -10.10 -4.97
N ASP B 107 9.49 -9.73 -5.89
CA ASP B 107 9.69 -8.34 -6.27
C ASP B 107 8.36 -7.71 -6.70
N ASN B 108 7.61 -8.44 -7.52
CA ASN B 108 6.42 -7.88 -8.13
C ASN B 108 5.18 -7.99 -7.23
N VAL B 109 5.15 -8.96 -6.31
CA VAL B 109 4.05 -9.01 -5.36
C VAL B 109 4.18 -7.85 -4.36
N LYS B 110 5.41 -7.44 -4.07
CA LYS B 110 5.68 -6.26 -3.25
C LYS B 110 5.19 -4.99 -3.94
N LEU B 111 5.56 -4.84 -5.21
CA LEU B 111 5.10 -3.68 -5.97
C LEU B 111 3.58 -3.68 -6.10
N LEU B 112 2.99 -4.87 -6.31
CA LEU B 112 1.55 -4.98 -6.40
C LEU B 112 0.90 -4.54 -5.10
N TYR B 113 1.41 -5.03 -3.97
CA TYR B 113 0.86 -4.68 -2.67
C TYR B 113 0.83 -3.16 -2.49
N ASP B 114 1.95 -2.52 -2.84
CA ASP B 114 2.07 -1.09 -2.63
C ASP B 114 1.14 -0.29 -3.55
N SER B 115 0.77 -0.87 -4.69
CA SER B 115 -0.13 -0.23 -5.65
CA SER B 115 -0.13 -0.21 -5.63
C SER B 115 -1.61 -0.43 -5.33
N LEU B 116 -1.94 -1.28 -4.36
CA LEU B 116 -3.33 -1.55 -4.05
C LEU B 116 -3.90 -0.42 -3.20
N GLN B 117 -5.10 0.02 -3.59
CA GLN B 117 -5.84 1.05 -2.89
C GLN B 117 -5.84 0.77 -1.39
N PRO B 118 -5.25 1.67 -0.56
CA PRO B 118 -5.36 1.55 0.88
C PRO B 118 -6.79 1.55 1.41
N GLY B 119 -7.01 0.82 2.49
CA GLY B 119 -8.28 0.87 3.20
C GLY B 119 -8.21 0.09 4.50
N PRO B 120 -9.21 0.25 5.39
CA PRO B 120 -9.24 -0.45 6.68
C PRO B 120 -9.15 -1.97 6.60
N LEU B 121 -9.63 -2.54 5.49
CA LEU B 121 -9.63 -3.98 5.35
C LEU B 121 -8.57 -4.51 4.39
N LYS B 122 -7.72 -3.61 3.85
CA LYS B 122 -6.61 -4.08 3.03
C LYS B 122 -5.75 -4.98 3.92
N PRO B 123 -5.42 -6.21 3.50
CA PRO B 123 -4.59 -7.08 4.31
C PRO B 123 -3.24 -6.43 4.59
N LEU B 124 -2.68 -6.77 5.76
CA LEU B 124 -1.33 -6.37 6.07
C LEU B 124 -0.37 -7.13 5.17
N TRP B 125 0.81 -6.56 4.95
CA TRP B 125 1.80 -7.19 4.07
C TRP B 125 2.07 -8.66 4.36
N ASP B 126 2.32 -9.00 5.63
CA ASP B 126 2.60 -10.39 6.01
C ASP B 126 1.48 -11.33 5.59
N ALA B 127 0.23 -10.89 5.77
CA ALA B 127 -0.93 -11.68 5.37
C ALA B 127 -1.02 -11.80 3.85
N PHE B 128 -0.74 -10.70 3.15
CA PHE B 128 -0.83 -10.68 1.71
C PHE B 128 0.24 -11.58 1.08
N VAL B 129 1.50 -11.42 1.48
CA VAL B 129 2.56 -12.21 0.87
C VAL B 129 2.40 -13.69 1.27
N GLY B 130 1.78 -13.93 2.42
CA GLY B 130 1.38 -15.27 2.81
C GLY B 130 0.42 -15.98 1.84
N GLN B 131 -0.28 -15.21 1.00
CA GLN B 131 -1.17 -15.74 0.00
C GLN B 131 -0.45 -16.15 -1.28
N LEU B 132 0.85 -15.84 -1.39
CA LEU B 132 1.56 -16.11 -2.63
C LEU B 132 1.82 -17.61 -2.80
N PRO B 133 2.40 -18.33 -1.82
CA PRO B 133 2.66 -19.76 -2.01
C PRO B 133 1.42 -20.56 -2.40
N PRO B 134 0.24 -20.38 -1.76
CA PRO B 134 -0.94 -21.15 -2.17
C PRO B 134 -1.32 -20.92 -3.63
N MET B 135 -1.14 -19.69 -4.11
CA MET B 135 -1.47 -19.43 -5.50
C MET B 135 -0.47 -20.13 -6.44
N LEU B 136 0.82 -20.08 -6.10
CA LEU B 136 1.83 -20.75 -6.90
C LEU B 136 1.62 -22.27 -6.87
N ILE B 137 1.23 -22.80 -5.71
CA ILE B 137 0.97 -24.22 -5.61
C ILE B 137 -0.14 -24.65 -6.57
N VAL B 138 -1.28 -23.95 -6.54
CA VAL B 138 -2.43 -24.35 -7.35
C VAL B 138 -2.10 -24.24 -8.83
N GLN B 139 -1.42 -23.15 -9.21
CA GLN B 139 -1.14 -22.93 -10.61
C GLN B 139 -0.10 -23.91 -11.13
N SER B 140 0.87 -24.26 -10.27
CA SER B 140 1.91 -25.19 -10.68
C SER B 140 1.44 -26.64 -10.79
N ARG B 141 0.47 -27.03 -9.96
CA ARG B 141 -0.01 -28.39 -9.84
C ARG B 141 1.08 -29.34 -9.33
N VAL B 142 2.13 -28.79 -8.71
CA VAL B 142 3.15 -29.61 -8.09
C VAL B 142 2.57 -30.04 -6.75
N PRO B 143 2.59 -31.35 -6.40
CA PRO B 143 2.04 -31.77 -5.11
C PRO B 143 2.74 -31.11 -3.93
N GLU B 144 1.97 -30.68 -2.93
CA GLU B 144 2.53 -30.13 -1.71
C GLU B 144 3.37 -31.11 -0.90
N THR B 145 3.12 -32.42 -1.07
CA THR B 145 4.01 -33.42 -0.49
C THR B 145 5.41 -33.38 -1.09
N MET B 146 5.53 -32.82 -2.30
CA MET B 146 6.83 -32.67 -2.95
C MET B 146 7.43 -31.29 -2.68
N LEU B 147 6.58 -30.26 -2.73
CA LEU B 147 6.99 -28.90 -2.54
C LEU B 147 5.98 -28.19 -1.64
N SER B 148 6.38 -27.99 -0.39
CA SER B 148 5.45 -27.56 0.65
C SER B 148 5.41 -26.04 0.76
N SER B 149 4.34 -25.54 1.37
CA SER B 149 4.24 -24.12 1.67
C SER B 149 5.38 -23.71 2.59
N GLN B 150 5.85 -24.63 3.45
CA GLN B 150 6.93 -24.31 4.36
C GLN B 150 8.23 -24.04 3.60
N THR B 151 8.49 -24.82 2.56
CA THR B 151 9.65 -24.58 1.72
C THR B 151 9.54 -23.19 1.05
N TYR B 152 8.36 -22.87 0.51
CA TYR B 152 8.15 -21.55 -0.06
C TYR B 152 8.46 -20.46 0.96
N HIS B 153 8.03 -20.66 2.22
CA HIS B 153 8.28 -19.71 3.27
C HIS B 153 9.79 -19.51 3.46
N THR B 154 10.56 -20.59 3.47
CA THR B 154 12.01 -20.53 3.56
C THR B 154 12.64 -19.72 2.43
N LYS B 155 12.15 -19.95 1.20
CA LYS B 155 12.69 -19.26 0.04
C LYS B 155 12.32 -17.77 0.07
N TYR B 156 11.12 -17.47 0.57
CA TYR B 156 10.70 -16.10 0.75
C TYR B 156 11.65 -15.39 1.72
N MET B 157 11.98 -16.07 2.82
CA MET B 157 12.89 -15.51 3.81
CA MET B 157 12.89 -15.51 3.81
C MET B 157 14.26 -15.25 3.19
N ASP B 158 14.73 -16.17 2.33
CA ASP B 158 15.97 -15.98 1.61
C ASP B 158 15.94 -14.73 0.74
N TRP B 159 14.79 -14.46 0.11
CA TRP B 159 14.61 -13.28 -0.71
C TRP B 159 14.60 -12.02 0.16
N VAL B 160 13.89 -12.06 1.28
CA VAL B 160 13.89 -10.94 2.22
C VAL B 160 15.32 -10.60 2.65
N LYS B 161 16.11 -11.62 2.97
CA LYS B 161 17.48 -11.44 3.43
C LYS B 161 18.41 -10.89 2.37
N GLY B 162 18.25 -11.36 1.13
CA GLY B 162 19.09 -10.93 0.02
C GLY B 162 18.96 -9.45 -0.34
N GLY B 163 17.81 -8.85 0.01
CA GLY B 163 17.56 -7.45 -0.28
C GLY B 163 18.19 -6.51 0.74
N THR B 164 17.89 -6.76 2.01
CA THR B 164 18.41 -5.97 3.11
C THR B 164 19.85 -6.33 3.41
N VAL B 175 26.10 -14.66 -4.88
CA VAL B 175 26.55 -15.14 -6.20
C VAL B 175 26.12 -14.15 -7.29
N ARG B 176 26.45 -14.47 -8.54
CA ARG B 176 26.09 -13.67 -9.71
C ARG B 176 24.59 -13.71 -9.99
N PHE B 177 23.83 -13.47 -8.92
CA PHE B 177 22.39 -13.56 -8.98
C PHE B 177 21.91 -12.24 -9.56
N PRO B 178 20.93 -12.25 -10.49
CA PRO B 178 20.42 -11.00 -11.07
C PRO B 178 19.89 -10.07 -10.00
N SER B 179 20.17 -8.78 -10.19
CA SER B 179 19.64 -7.73 -9.35
C SER B 179 18.15 -7.52 -9.59
N VAL B 180 17.53 -6.66 -8.78
CA VAL B 180 16.17 -6.25 -8.99
C VAL B 180 15.97 -5.69 -10.40
N ALA B 181 16.90 -4.85 -10.87
CA ALA B 181 16.78 -4.25 -12.19
C ALA B 181 16.86 -5.32 -13.28
N ASP B 182 17.79 -6.28 -13.11
CA ASP B 182 17.96 -7.37 -14.05
C ASP B 182 16.67 -8.20 -14.14
N ARG B 183 16.06 -8.42 -12.98
CA ARG B 183 14.86 -9.24 -12.88
C ARG B 183 13.68 -8.54 -13.53
N ARG B 184 13.64 -7.20 -13.39
CA ARG B 184 12.61 -6.43 -14.05
C ARG B 184 12.74 -6.51 -15.57
N VAL B 185 13.97 -6.44 -16.10
CA VAL B 185 14.17 -6.59 -17.53
C VAL B 185 13.70 -7.97 -17.99
N LYS B 186 13.96 -9.00 -17.18
CA LYS B 186 13.51 -10.35 -17.49
C LYS B 186 11.99 -10.39 -17.66
N VAL B 187 11.30 -9.79 -16.70
CA VAL B 187 9.85 -9.73 -16.73
C VAL B 187 9.36 -8.91 -17.92
N GLU B 188 9.94 -7.73 -18.14
CA GLU B 188 9.56 -6.88 -19.25
C GLU B 188 9.76 -7.57 -20.59
N THR B 189 10.90 -8.28 -20.74
CA THR B 189 11.19 -8.97 -21.98
C THR B 189 10.13 -10.03 -22.30
N TYR B 190 9.75 -10.78 -21.27
CA TYR B 190 8.70 -11.77 -21.42
C TYR B 190 7.36 -11.14 -21.78
N LEU B 191 7.00 -10.05 -21.11
CA LEU B 191 5.72 -9.40 -21.36
C LEU B 191 5.64 -8.85 -22.79
N ARG B 192 6.77 -8.38 -23.30
CA ARG B 192 6.84 -7.80 -24.63
C ARG B 192 6.79 -8.85 -25.73
N SER B 193 7.53 -9.94 -25.50
CA SER B 193 7.88 -10.86 -26.57
C SER B 193 7.42 -12.29 -26.32
N GLY B 194 7.05 -12.59 -25.07
CA GLY B 194 6.78 -13.95 -24.64
C GLY B 194 8.05 -14.80 -24.55
N ALA B 195 9.21 -14.13 -24.61
CA ALA B 195 10.50 -14.78 -24.65
C ALA B 195 11.10 -14.89 -23.27
N GLY B 196 11.47 -16.12 -22.87
CA GLY B 196 12.18 -16.37 -21.64
C GLY B 196 13.55 -16.98 -21.96
N TYR B 197 14.53 -16.73 -21.09
CA TYR B 197 15.87 -17.26 -21.27
C TYR B 197 16.38 -17.82 -19.94
N LYS B 198 16.77 -19.09 -19.96
CA LYS B 198 17.45 -19.76 -18.86
C LYS B 198 18.89 -19.98 -19.29
N ILE B 199 19.84 -19.53 -18.45
CA ILE B 199 21.26 -19.72 -18.75
C ILE B 199 21.61 -21.19 -18.59
N GLU B 200 22.32 -21.73 -19.60
CA GLU B 200 22.76 -23.11 -19.59
C GLU B 200 24.23 -23.20 -20.02
C1 GOL C . 1.75 10.60 18.48
O1 GOL C . 0.88 9.58 18.04
C2 GOL C . 2.49 11.18 17.31
O2 GOL C . 1.62 12.02 16.56
C3 GOL C . 3.07 10.12 16.41
O3 GOL C . 4.30 9.58 16.92
C1 GOL D . 5.54 -2.80 8.99
O1 GOL D . 4.54 -2.25 9.84
C2 GOL D . 6.44 -1.72 8.39
O2 GOL D . 6.02 -1.39 7.08
C3 GOL D . 6.52 -0.47 9.24
O3 GOL D . 5.55 0.50 8.88
C1 GOL E . 6.51 2.31 18.61
O1 GOL E . 6.59 0.95 19.05
C2 GOL E . 5.85 3.19 19.63
O2 GOL E . 5.24 4.31 18.97
C3 GOL E . 4.83 2.48 20.49
O3 GOL E . 4.47 3.22 21.66
C1 GOL F . 2.55 17.09 -1.95
O1 GOL F . 1.16 16.87 -1.75
C2 GOL F . 3.13 18.09 -0.97
O2 GOL F . 2.79 17.72 0.36
C3 GOL F . 4.63 18.23 -1.09
O3 GOL F . 5.30 17.02 -0.72
CL CL G . 4.72 -0.85 14.26
S SO4 H . -18.52 29.70 0.87
O1 SO4 H . -17.51 30.59 0.36
O2 SO4 H . -18.96 28.80 -0.16
O3 SO4 H . -18.00 28.97 1.99
O4 SO4 H . -19.66 30.48 1.32
C1 GOL I . 8.58 -30.20 0.96
O1 GOL I . 9.27 -29.14 0.28
C2 GOL I . 9.39 -30.77 2.10
O2 GOL I . 10.63 -31.28 1.60
C3 GOL I . 9.66 -29.77 3.20
O3 GOL I . 8.46 -29.39 3.88
C1 GOL J . 13.44 -6.02 -4.02
O1 GOL J . 12.18 -5.75 -4.61
C2 GOL J . 13.32 -6.57 -2.61
O2 GOL J . 14.43 -7.41 -2.32
C3 GOL J . 13.21 -5.49 -1.54
O3 GOL J . 12.85 -6.04 -0.28
C1 GOL K . 24.55 -8.66 -8.49
O1 GOL K . 23.31 -8.56 -9.17
C2 GOL K . 25.01 -7.32 -7.94
O2 GOL K . 26.25 -7.50 -7.25
C3 GOL K . 25.18 -6.24 -8.99
O3 GOL K . 24.34 -5.12 -8.74
#